data_4B5Z
#
_entry.id   4B5Z
#
_cell.length_a   62.643
_cell.length_b   75.172
_cell.length_c   85.489
_cell.angle_alpha   90.00
_cell.angle_beta   90.00
_cell.angle_gamma   90.00
#
_symmetry.space_group_name_H-M   'P 21 21 21'
#
loop_
_entity.id
_entity.type
_entity.pdbx_description
1 polymer 'FIBRONECTIN-BINDING PROTEIN A'
2 water water
#
_entity_poly.entity_id   1
_entity_poly.type   'polypeptide(L)'
_entity_poly.pdbx_seq_one_letter_code
;GPAMAKVETGTDVTSKVTVEIGSIEGHNNTNKVEPHAGQRAVLKYKLKFENGLHQGDYFDFTLSNNVNTHGVSTARKVPE
IKNGSVVMATGEVLEGGKIRYTFTNDIEDKVDVTAELEINLFIDPKTVQTNGNQTITSTLNEEQTSKELDVKYKDGIGNY
YANLNGSIETFNKANNRFSHVAFIKPNNGKTTSVTVTGTLMKGSNQNGNQPKVRIFEYLGNNEDIAKSVYANTTDTSKFK
EVTSNMSGNLNLQNNGSYSLNIENLDKTYVVHYDGEYLNGTDEVDFRTQMVGHPEQLYKYYYDRGYTLTWDNGLVLYSNK
A
;
_entity_poly.pdbx_strand_id   A
#
# COMPACT_ATOMS: atom_id res chain seq x y z
N GLY A 10 15.15 -5.48 -30.01
CA GLY A 10 16.45 -4.69 -30.00
C GLY A 10 17.34 -5.11 -28.86
N THR A 11 18.42 -4.38 -28.60
CA THR A 11 19.39 -4.82 -27.59
C THR A 11 19.51 -3.92 -26.34
N ASP A 12 20.14 -4.51 -25.33
CA ASP A 12 20.35 -3.91 -24.02
C ASP A 12 21.44 -2.85 -24.19
N VAL A 13 21.07 -1.59 -24.14
CA VAL A 13 22.02 -0.51 -24.20
C VAL A 13 22.24 0.16 -22.84
N THR A 14 22.02 -0.59 -21.76
CA THR A 14 22.24 -0.10 -20.39
C THR A 14 23.63 0.52 -20.24
N SER A 15 24.65 -0.09 -20.85
CA SER A 15 26.01 0.43 -20.70
C SER A 15 26.18 1.77 -21.42
N LYS A 16 25.20 2.19 -22.20
CA LYS A 16 25.28 3.46 -22.91
C LYS A 16 24.57 4.62 -22.24
N VAL A 17 24.05 4.39 -21.03
CA VAL A 17 23.32 5.41 -20.29
C VAL A 17 24.11 5.87 -19.08
N THR A 18 24.25 7.19 -18.96
CA THR A 18 25.02 7.79 -17.92
C THR A 18 24.06 8.59 -17.06
N VAL A 19 24.23 8.50 -15.74
CA VAL A 19 23.48 9.34 -14.80
C VAL A 19 24.31 10.60 -14.65
N GLU A 20 23.74 11.73 -15.01
CA GLU A 20 24.42 12.99 -14.90
C GLU A 20 24.10 13.62 -13.58
N ILE A 21 22.84 13.51 -13.18
CA ILE A 21 22.36 13.96 -11.89
C ILE A 21 21.42 12.88 -11.42
N GLY A 22 21.67 12.32 -10.24
CA GLY A 22 20.73 11.42 -9.59
C GLY A 22 20.55 11.71 -8.12
N SER A 23 19.30 11.74 -7.67
CA SER A 23 18.98 11.93 -6.26
C SER A 23 17.65 11.31 -5.85
N ILE A 24 17.59 10.95 -4.59
CA ILE A 24 16.37 10.45 -3.99
C ILE A 24 16.12 11.31 -2.77
N GLU A 25 14.88 11.76 -2.65
CA GLU A 25 14.46 12.70 -1.59
C GLU A 25 13.18 12.21 -0.86
N GLY A 26 13.02 12.64 0.38
CA GLY A 26 11.94 12.24 1.21
C GLY A 26 10.89 13.29 1.13
N HIS A 27 9.91 13.19 2.01
CA HIS A 27 8.73 14.03 1.93
C HIS A 27 9.11 15.51 2.06
N ASN A 28 8.65 16.32 1.12
CA ASN A 28 8.96 17.76 1.04
C ASN A 28 10.45 18.05 1.12
N ASN A 29 11.26 17.12 0.60
CA ASN A 29 12.71 17.22 0.67
C ASN A 29 13.35 17.18 2.06
N THR A 30 12.60 16.71 3.04
CA THR A 30 13.15 16.26 4.34
C THR A 30 13.73 14.83 4.23
N ASN A 31 14.34 14.34 5.31
CA ASN A 31 14.86 12.96 5.40
C ASN A 31 13.90 11.91 6.03
N LYS A 32 12.60 12.16 5.91
CA LYS A 32 11.61 11.34 6.60
C LYS A 32 10.50 11.01 5.65
N VAL A 33 9.89 9.85 5.82
CA VAL A 33 8.68 9.54 5.06
C VAL A 33 7.62 8.88 5.95
N GLU A 34 6.37 9.33 5.82
CA GLU A 34 5.25 8.69 6.55
C GLU A 34 4.27 7.98 5.60
N PRO A 35 4.48 6.68 5.40
CA PRO A 35 3.71 6.07 4.36
C PRO A 35 2.22 6.07 4.63
N HIS A 36 1.83 5.93 5.90
CA HIS A 36 0.40 5.95 6.28
C HIS A 36 -0.26 7.32 6.17
N ALA A 37 0.52 8.41 6.07
CA ALA A 37 -0.03 9.72 5.72
C ALA A 37 -0.03 9.93 4.21
N GLY A 38 0.15 8.86 3.44
CA GLY A 38 0.27 8.95 2.00
C GLY A 38 1.52 9.69 1.46
N GLN A 39 2.64 9.62 2.16
CA GLN A 39 3.87 10.21 1.65
C GLN A 39 4.73 9.12 0.99
N ARG A 40 5.80 9.59 0.33
CA ARG A 40 6.59 8.78 -0.59
C ARG A 40 7.91 9.47 -0.85
N ALA A 41 8.83 8.71 -1.41
CA ALA A 41 10.13 9.23 -1.77
C ALA A 41 10.03 9.56 -3.23
N VAL A 42 11.01 10.26 -3.75
CA VAL A 42 10.97 10.62 -5.15
C VAL A 42 12.40 10.48 -5.66
N LEU A 43 12.52 9.76 -6.76
CA LEU A 43 13.78 9.56 -7.47
C LEU A 43 13.80 10.51 -8.66
N LYS A 44 14.88 11.30 -8.77
CA LYS A 44 15.07 12.15 -9.92
C LYS A 44 16.37 11.87 -10.60
N TYR A 45 16.29 11.74 -11.92
CA TYR A 45 17.41 11.40 -12.80
C TYR A 45 17.48 12.40 -13.93
N LYS A 46 18.70 12.79 -14.27
CA LYS A 46 19.06 13.36 -15.56
C LYS A 46 20.06 12.35 -16.21
N LEU A 47 19.66 11.81 -17.35
CA LEU A 47 20.38 10.75 -18.05
C LEU A 47 20.99 11.30 -19.35
N LYS A 48 22.24 10.94 -19.67
CA LYS A 48 22.84 11.23 -21.01
C LYS A 48 22.80 9.91 -21.76
N PHE A 49 22.47 9.94 -23.06
CA PHE A 49 22.50 8.74 -23.88
C PHE A 49 23.58 8.80 -24.97
N GLU A 50 24.29 7.70 -25.17
CA GLU A 50 25.14 7.55 -26.36
C GLU A 50 24.30 7.70 -27.61
N ASN A 51 24.95 8.17 -28.65
CA ASN A 51 24.34 8.24 -29.97
C ASN A 51 24.19 6.83 -30.56
N GLY A 52 23.39 6.77 -31.62
CA GLY A 52 23.09 5.53 -32.35
C GLY A 52 22.31 4.52 -31.55
N LEU A 53 21.17 4.94 -30.99
CA LEU A 53 20.25 4.00 -30.36
C LEU A 53 19.10 3.76 -31.30
N HIS A 54 18.41 2.62 -31.16
CA HIS A 54 17.27 2.35 -32.04
C HIS A 54 16.03 1.96 -31.24
N GLN A 55 14.87 2.06 -31.89
CA GLN A 55 13.59 1.59 -31.35
C GLN A 55 13.74 0.17 -30.87
N GLY A 56 13.07 -0.17 -29.78
CA GLY A 56 13.22 -1.49 -29.20
C GLY A 56 14.47 -1.71 -28.38
N ASP A 57 15.50 -0.87 -28.51
CA ASP A 57 16.65 -0.95 -27.58
C ASP A 57 16.15 -0.56 -26.18
N TYR A 58 16.79 -1.07 -25.13
CA TYR A 58 16.30 -0.83 -23.77
C TYR A 58 17.43 -0.68 -22.74
N PHE A 59 17.12 0.05 -21.66
CA PHE A 59 18.01 0.08 -20.48
C PHE A 59 17.23 -0.22 -19.19
N ASP A 60 17.93 -0.85 -18.25
CA ASP A 60 17.38 -1.22 -16.96
C ASP A 60 18.07 -0.46 -15.82
N PHE A 61 17.32 -0.11 -14.79
CA PHE A 61 17.91 0.18 -13.46
C PHE A 61 17.14 -0.59 -12.39
N THR A 62 17.77 -0.67 -11.24
CA THR A 62 17.32 -1.56 -10.16
C THR A 62 17.08 -0.74 -8.89
N LEU A 63 15.91 -0.87 -8.30
CA LEU A 63 15.61 -0.22 -7.02
C LEU A 63 15.82 -1.19 -5.89
N SER A 64 16.26 -0.70 -4.74
CA SER A 64 16.28 -1.50 -3.52
C SER A 64 14.83 -2.00 -3.23
N ASN A 65 14.69 -3.20 -2.64
CA ASN A 65 13.35 -3.80 -2.50
C ASN A 65 12.53 -3.25 -1.34
N ASN A 66 13.10 -2.30 -0.59
CA ASN A 66 12.32 -1.47 0.32
C ASN A 66 11.35 -0.50 -0.34
N VAL A 67 11.51 -0.19 -1.62
CA VAL A 67 10.60 0.68 -2.32
C VAL A 67 10.08 0.01 -3.56
N ASN A 68 8.98 0.56 -4.06
CA ASN A 68 8.52 0.23 -5.37
C ASN A 68 7.84 1.45 -6.01
N THR A 69 7.37 1.30 -7.26
CA THR A 69 6.87 2.41 -8.05
C THR A 69 5.33 2.46 -8.06
N HIS A 70 4.68 1.58 -7.30
CA HIS A 70 3.22 1.38 -7.44
C HIS A 70 2.41 1.66 -6.17
N GLY A 71 2.98 1.43 -4.99
CA GLY A 71 2.22 1.61 -3.76
C GLY A 71 1.12 0.58 -3.85
N VAL A 72 -0.08 0.93 -3.45
CA VAL A 72 -1.20 -0.03 -3.49
C VAL A 72 -1.73 -0.40 -4.88
N SER A 73 -1.33 0.31 -5.93
CA SER A 73 -1.83 0.08 -7.27
C SER A 73 -1.38 -1.29 -7.79
N THR A 74 -2.29 -2.07 -8.40
CA THR A 74 -1.93 -3.31 -9.12
C THR A 74 -1.26 -3.01 -10.48
N ALA A 75 -1.33 -1.78 -10.99
CA ALA A 75 -0.73 -1.49 -12.26
C ALA A 75 0.79 -1.40 -12.11
N ARG A 76 1.49 -1.59 -13.22
CA ARG A 76 2.95 -1.70 -13.21
C ARG A 76 3.60 -0.85 -14.31
N LYS A 77 3.01 0.31 -14.61
CA LYS A 77 3.63 1.29 -15.50
C LYS A 77 4.44 2.36 -14.71
N VAL A 78 5.49 2.91 -15.32
CA VAL A 78 6.21 4.06 -14.82
C VAL A 78 6.11 5.23 -15.83
N PRO A 79 6.55 6.41 -15.40
CA PRO A 79 6.41 7.52 -16.34
C PRO A 79 7.27 7.34 -17.57
N GLU A 80 6.76 7.88 -18.66
CA GLU A 80 7.45 7.97 -19.91
C GLU A 80 8.66 8.92 -19.86
N ILE A 81 9.67 8.59 -20.64
CA ILE A 81 10.82 9.46 -20.84
C ILE A 81 10.47 10.20 -22.13
N LYS A 82 10.37 11.49 -21.99
CA LYS A 82 10.09 12.35 -23.09
C LYS A 82 11.28 13.24 -23.49
N ASN A 83 11.29 13.69 -24.73
CA ASN A 83 12.01 14.92 -25.09
C ASN A 83 10.95 15.96 -25.46
N GLY A 84 10.55 16.77 -24.49
CA GLY A 84 9.44 17.70 -24.64
C GLY A 84 8.19 16.89 -24.84
N SER A 85 7.67 16.91 -26.05
CA SER A 85 6.40 16.22 -26.38
C SER A 85 6.56 14.80 -26.97
N VAL A 86 7.77 14.46 -27.42
CA VAL A 86 8.05 13.22 -28.13
C VAL A 86 8.42 12.10 -27.13
N VAL A 87 7.68 10.99 -27.09
CA VAL A 87 7.97 9.88 -26.18
C VAL A 87 9.17 9.12 -26.69
N MET A 88 10.27 9.19 -25.93
CA MET A 88 11.55 8.59 -26.30
C MET A 88 11.58 7.16 -25.83
N ALA A 89 11.03 6.94 -24.64
CA ALA A 89 11.02 5.62 -24.06
C ALA A 89 9.81 5.40 -23.16
N THR A 90 9.35 4.14 -23.14
CA THR A 90 8.31 3.71 -22.22
C THR A 90 8.96 2.74 -21.26
N GLY A 91 8.38 2.67 -20.07
CA GLY A 91 8.93 1.88 -19.00
C GLY A 91 7.95 0.92 -18.38
N GLU A 92 8.49 -0.17 -17.85
CA GLU A 92 7.70 -1.23 -17.26
C GLU A 92 8.43 -1.78 -16.06
N VAL A 93 7.66 -2.28 -15.10
CA VAL A 93 8.25 -3.01 -14.00
C VAL A 93 8.33 -4.45 -14.46
N LEU A 94 9.53 -5.02 -14.49
CA LEU A 94 9.68 -6.42 -14.87
C LEU A 94 9.53 -7.30 -13.65
N GLU A 95 10.34 -7.03 -12.64
CA GLU A 95 10.46 -7.88 -11.45
C GLU A 95 11.27 -7.22 -10.35
N GLY A 96 12.26 -7.93 -9.79
CA GLY A 96 12.86 -7.50 -8.51
C GLY A 96 14.13 -6.62 -8.43
N GLY A 97 14.00 -5.32 -8.11
CA GLY A 97 12.80 -4.51 -8.41
C GLY A 97 13.26 -3.76 -9.64
N LYS A 98 12.87 -4.22 -10.85
CA LYS A 98 13.65 -3.92 -12.07
C LYS A 98 12.81 -3.13 -13.03
N ILE A 99 13.33 -1.96 -13.38
CA ILE A 99 12.61 -1.06 -14.20
C ILE A 99 13.32 -1.03 -15.55
N ARG A 100 12.58 -1.32 -16.62
CA ARG A 100 13.14 -1.31 -17.96
C ARG A 100 12.45 -0.26 -18.83
N TYR A 101 13.24 0.62 -19.43
CA TYR A 101 12.76 1.56 -20.44
C TYR A 101 13.18 1.10 -21.81
N THR A 102 12.21 1.08 -22.74
CA THR A 102 12.42 0.67 -24.11
C THR A 102 12.27 1.89 -25.03
N PHE A 103 13.26 2.12 -25.88
CA PHE A 103 13.22 3.25 -26.78
C PHE A 103 12.21 3.11 -27.91
N THR A 104 11.53 4.22 -28.21
CA THR A 104 10.65 4.35 -29.36
C THR A 104 11.46 4.57 -30.63
N ASN A 105 10.71 4.73 -31.74
CA ASN A 105 11.26 5.16 -33.06
C ASN A 105 11.90 6.54 -32.98
N ASP A 106 11.46 7.37 -32.03
CA ASP A 106 11.98 8.75 -31.96
C ASP A 106 13.40 8.95 -31.42
N ILE A 107 14.02 7.90 -30.92
CA ILE A 107 15.47 7.95 -30.57
C ILE A 107 16.35 7.80 -31.84
N GLU A 108 15.78 7.33 -32.97
CA GLU A 108 16.62 7.09 -34.16
CA GLU A 108 16.56 7.12 -34.22
C GLU A 108 17.27 8.39 -34.70
N ASP A 109 18.57 8.26 -35.01
CA ASP A 109 19.38 9.37 -35.54
C ASP A 109 19.52 10.63 -34.66
N LYS A 110 19.20 10.51 -33.36
CA LYS A 110 19.24 11.67 -32.47
C LYS A 110 20.65 11.79 -31.93
N VAL A 111 21.06 13.01 -31.62
CA VAL A 111 22.44 13.25 -31.14
C VAL A 111 22.46 14.00 -29.82
N ASP A 112 23.44 13.68 -28.96
CA ASP A 112 23.55 14.30 -27.65
C ASP A 112 22.19 14.28 -26.94
N VAL A 113 21.52 13.13 -26.92
CA VAL A 113 20.22 13.03 -26.22
C VAL A 113 20.40 13.07 -24.71
N THR A 114 19.64 13.90 -24.02
CA THR A 114 19.54 13.79 -22.57
C THR A 114 18.07 13.73 -22.21
N ALA A 115 17.77 13.42 -20.96
CA ALA A 115 16.41 13.37 -20.52
C ALA A 115 16.31 13.37 -19.01
N GLU A 116 15.24 13.96 -18.51
CA GLU A 116 14.89 13.90 -17.11
C GLU A 116 13.76 12.94 -16.81
N LEU A 117 13.79 12.40 -15.60
CA LEU A 117 12.87 11.35 -15.20
C LEU A 117 12.64 11.50 -13.70
N GLU A 118 11.39 11.67 -13.36
CA GLU A 118 10.95 11.74 -11.99
C GLU A 118 10.05 10.54 -11.69
N ILE A 119 10.42 9.73 -10.70
CA ILE A 119 9.63 8.57 -10.30
C ILE A 119 9.37 8.50 -8.79
N ASN A 120 8.09 8.42 -8.46
CA ASN A 120 7.64 8.25 -7.10
C ASN A 120 7.98 6.86 -6.61
N LEU A 121 8.48 6.77 -5.39
CA LEU A 121 8.94 5.54 -4.77
C LEU A 121 8.22 5.38 -3.44
N PHE A 122 7.37 4.36 -3.35
CA PHE A 122 6.54 4.10 -2.18
C PHE A 122 7.24 3.11 -1.31
N ILE A 123 7.22 3.32 0.01
CA ILE A 123 7.78 2.40 0.95
C ILE A 123 6.97 1.09 0.96
N ASP A 124 7.64 -0.04 0.74
CA ASP A 124 6.93 -1.33 0.66
C ASP A 124 6.64 -1.83 2.05
N PRO A 125 5.36 -2.03 2.40
CA PRO A 125 5.01 -2.48 3.73
C PRO A 125 5.43 -3.93 4.04
N LYS A 126 5.75 -4.73 3.04
CA LYS A 126 6.11 -6.13 3.26
C LYS A 126 7.58 -6.21 3.61
N THR A 127 8.42 -5.39 2.99
CA THR A 127 9.88 -5.38 3.26
C THR A 127 10.33 -4.33 4.32
N VAL A 128 9.51 -3.28 4.56
CA VAL A 128 9.73 -2.31 5.59
C VAL A 128 8.64 -2.43 6.64
N GLN A 129 8.79 -3.42 7.54
CA GLN A 129 7.73 -3.72 8.53
C GLN A 129 7.75 -2.87 9.82
N THR A 130 8.90 -2.26 10.10
CA THR A 130 9.14 -1.45 11.30
C THR A 130 9.42 0.00 10.99
N ASN A 131 9.23 0.87 11.98
CA ASN A 131 9.76 2.23 11.94
C ASN A 131 11.27 2.23 11.86
N GLY A 132 11.87 3.31 11.37
CA GLY A 132 13.35 3.44 11.38
C GLY A 132 13.93 3.71 9.99
N ASN A 133 15.25 3.93 9.98
CA ASN A 133 15.98 4.31 8.77
C ASN A 133 15.97 3.22 7.73
N GLN A 134 15.83 3.62 6.48
CA GLN A 134 16.02 2.70 5.38
C GLN A 134 16.93 3.41 4.40
N THR A 135 17.88 2.67 3.85
CA THR A 135 18.64 3.18 2.79
C THR A 135 18.03 2.73 1.50
N ILE A 136 17.63 3.73 0.73
CA ILE A 136 16.95 3.55 -0.53
C ILE A 136 17.97 3.83 -1.64
N THR A 137 18.06 2.91 -2.58
CA THR A 137 18.95 3.06 -3.70
C THR A 137 18.28 2.71 -5.04
N SER A 138 18.81 3.30 -6.08
CA SER A 138 18.50 3.01 -7.46
C SER A 138 19.86 2.87 -8.13
N THR A 139 20.07 1.79 -8.87
CA THR A 139 21.34 1.53 -9.53
C THR A 139 21.15 1.40 -11.04
N LEU A 140 21.84 2.27 -11.77
CA LEU A 140 21.74 2.38 -13.21
C LEU A 140 23.15 2.31 -13.84
N ASN A 141 23.41 1.27 -14.62
CA ASN A 141 24.70 1.11 -15.24
C ASN A 141 25.84 1.29 -14.22
N GLU A 142 25.80 0.55 -13.12
CA GLU A 142 26.82 0.61 -12.07
C GLU A 142 26.82 1.90 -11.25
N GLU A 143 26.12 2.96 -11.66
CA GLU A 143 26.03 4.16 -10.82
C GLU A 143 24.91 3.97 -9.73
N GLN A 144 25.28 4.05 -8.45
CA GLN A 144 24.33 3.89 -7.36
C GLN A 144 23.90 5.22 -6.84
N THR A 145 22.60 5.52 -6.89
CA THR A 145 22.06 6.72 -6.27
C THR A 145 21.41 6.28 -4.96
N SER A 146 21.61 7.04 -3.87
CA SER A 146 21.42 6.50 -2.53
C SER A 146 20.83 7.54 -1.60
N LYS A 147 19.88 7.16 -0.74
CA LYS A 147 19.36 8.09 0.26
C LYS A 147 18.81 7.36 1.47
N GLU A 148 19.14 7.86 2.66
CA GLU A 148 18.59 7.34 3.92
C GLU A 148 17.39 8.18 4.31
N LEU A 149 16.29 7.51 4.57
CA LEU A 149 15.09 8.17 5.01
C LEU A 149 14.60 7.46 6.28
N ASP A 150 14.06 8.21 7.23
CA ASP A 150 13.44 7.60 8.42
C ASP A 150 11.99 7.40 8.12
N VAL A 151 11.57 6.15 8.18
CA VAL A 151 10.19 5.76 7.89
C VAL A 151 9.44 5.70 9.21
N LYS A 152 8.29 6.34 9.26
CA LYS A 152 7.45 6.37 10.44
C LYS A 152 6.01 6.00 10.09
N TYR A 153 5.50 5.01 10.77
CA TYR A 153 4.16 4.47 10.54
C TYR A 153 3.24 4.96 11.68
N LYS A 154 1.93 4.81 11.48
CA LYS A 154 0.90 5.14 12.49
C LYS A 154 0.57 3.92 13.28
N ASP A 155 0.13 4.08 14.51
CA ASP A 155 -0.13 2.93 15.37
C ASP A 155 -1.59 2.54 15.49
N GLY A 156 -2.46 3.08 14.66
CA GLY A 156 -3.85 2.74 14.78
C GLY A 156 -4.49 3.65 15.84
N ILE A 157 -5.57 3.18 16.44
CA ILE A 157 -6.32 3.95 17.42
C ILE A 157 -6.74 2.91 18.44
N GLY A 158 -6.57 3.25 19.72
CA GLY A 158 -6.79 2.31 20.80
C GLY A 158 -7.31 2.93 22.07
N ASN A 159 -7.68 2.08 23.00
CA ASN A 159 -8.06 2.52 24.32
C ASN A 159 -7.54 1.46 25.27
N TYR A 160 -7.95 1.50 26.51
CA TYR A 160 -7.43 0.59 27.52
C TYR A 160 -7.77 -0.84 27.15
N TYR A 161 -8.84 -1.05 26.39
CA TYR A 161 -9.36 -2.39 26.16
C TYR A 161 -8.88 -3.06 24.81
N ALA A 162 -8.62 -2.25 23.79
CA ALA A 162 -8.37 -2.78 22.45
C ALA A 162 -7.62 -1.81 21.56
N ASN A 163 -7.08 -2.35 20.48
CA ASN A 163 -6.45 -1.54 19.42
C ASN A 163 -7.05 -1.94 18.08
N LEU A 164 -7.18 -0.96 17.21
CA LEU A 164 -7.67 -1.15 15.86
C LEU A 164 -6.67 -0.46 14.93
N ASN A 165 -6.26 -1.17 13.90
CA ASN A 165 -5.40 -0.54 12.87
C ASN A 165 -5.73 -1.15 11.51
N GLY A 166 -5.45 -0.39 10.46
CA GLY A 166 -5.64 -0.88 9.10
C GLY A 166 -4.97 -0.07 8.00
N SER A 167 -5.00 -0.64 6.80
CA SER A 167 -4.39 -0.03 5.65
C SER A 167 -4.98 -0.67 4.42
N ILE A 168 -5.19 0.12 3.40
CA ILE A 168 -5.46 -0.45 2.09
C ILE A 168 -4.25 -1.25 1.59
N GLU A 169 -4.51 -2.44 1.06
CA GLU A 169 -3.47 -3.35 0.61
C GLU A 169 -3.31 -3.26 -0.91
N THR A 170 -4.42 -3.41 -1.63
CA THR A 170 -4.34 -3.31 -3.08
C THR A 170 -5.51 -2.44 -3.63
N PHE A 171 -5.25 -1.86 -4.77
CA PHE A 171 -6.20 -1.02 -5.45
C PHE A 171 -6.11 -1.39 -6.93
N ASN A 172 -7.25 -1.74 -7.51
CA ASN A 172 -7.28 -2.23 -8.90
C ASN A 172 -8.31 -1.44 -9.77
N LYS A 173 -7.86 -0.35 -10.40
CA LYS A 173 -8.70 0.53 -11.23
C LYS A 173 -9.45 -0.25 -12.32
N ALA A 174 -8.79 -1.19 -12.98
CA ALA A 174 -9.40 -1.93 -14.09
C ALA A 174 -10.67 -2.70 -13.70
N ASN A 175 -10.71 -3.25 -12.49
CA ASN A 175 -11.86 -4.01 -11.98
C ASN A 175 -12.77 -3.25 -11.02
N ASN A 176 -12.46 -2.00 -10.71
CA ASN A 176 -13.11 -1.31 -9.58
C ASN A 176 -13.13 -2.09 -8.28
N ARG A 177 -11.97 -2.63 -7.92
CA ARG A 177 -11.82 -3.39 -6.68
C ARG A 177 -10.66 -2.87 -5.82
N PHE A 178 -10.75 -3.13 -4.54
CA PHE A 178 -9.67 -2.85 -3.63
C PHE A 178 -9.74 -3.92 -2.55
N SER A 179 -8.61 -4.08 -1.88
CA SER A 179 -8.45 -4.96 -0.75
C SER A 179 -7.86 -4.14 0.44
N HIS A 180 -8.15 -4.59 1.66
CA HIS A 180 -7.85 -3.83 2.86
C HIS A 180 -7.53 -4.84 3.96
N VAL A 181 -6.61 -4.48 4.85
CA VAL A 181 -6.18 -5.30 5.95
C VAL A 181 -6.47 -4.53 7.25
N ALA A 182 -7.19 -5.15 8.18
CA ALA A 182 -7.37 -4.61 9.52
C ALA A 182 -6.87 -5.55 10.60
N PHE A 183 -6.23 -4.98 11.62
CA PHE A 183 -5.81 -5.75 12.83
C PHE A 183 -6.63 -5.26 14.04
N ILE A 184 -7.20 -6.22 14.78
CA ILE A 184 -7.93 -5.94 15.99
C ILE A 184 -7.32 -6.80 17.10
N LYS A 185 -7.05 -6.17 18.23
CA LYS A 185 -6.44 -6.90 19.34
C LYS A 185 -6.92 -6.33 20.66
N PRO A 186 -6.92 -7.17 21.70
CA PRO A 186 -7.16 -6.71 23.05
C PRO A 186 -5.93 -6.00 23.61
N ASN A 187 -6.11 -5.18 24.62
CA ASN A 187 -5.02 -4.63 25.42
C ASN A 187 -5.21 -5.01 26.87
N ASN A 188 -4.11 -4.93 27.61
CA ASN A 188 -4.10 -5.06 29.06
C ASN A 188 -4.68 -6.37 29.60
N GLY A 189 -4.64 -7.44 28.84
CA GLY A 189 -5.19 -8.71 29.30
C GLY A 189 -6.69 -8.75 29.40
N LYS A 190 -7.37 -7.73 28.88
CA LYS A 190 -8.81 -7.62 29.01
C LYS A 190 -9.53 -8.29 27.85
N THR A 191 -10.70 -8.85 28.14
CA THR A 191 -11.52 -9.48 27.11
C THR A 191 -12.83 -8.77 27.05
N THR A 192 -13.19 -8.34 25.87
CA THR A 192 -14.46 -7.66 25.68
C THR A 192 -15.14 -8.37 24.53
N SER A 193 -16.44 -8.27 24.53
CA SER A 193 -17.23 -8.72 23.43
C SER A 193 -17.31 -7.52 22.44
N VAL A 194 -17.15 -7.77 21.14
CA VAL A 194 -17.13 -6.71 20.11
C VAL A 194 -17.94 -6.95 18.84
N THR A 195 -18.35 -5.85 18.20
CA THR A 195 -18.82 -5.86 16.80
C THR A 195 -17.87 -5.02 15.94
N VAL A 196 -17.37 -5.64 14.89
CA VAL A 196 -16.49 -5.01 13.92
C VAL A 196 -17.26 -4.83 12.62
N THR A 197 -17.26 -3.61 12.11
CA THR A 197 -17.88 -3.29 10.84
C THR A 197 -16.90 -2.69 9.84
N GLY A 198 -17.21 -2.96 8.56
CA GLY A 198 -16.63 -2.25 7.45
C GLY A 198 -17.66 -1.53 6.65
N THR A 199 -17.37 -0.29 6.28
CA THR A 199 -18.32 0.55 5.57
C THR A 199 -17.58 1.46 4.61
N LEU A 200 -18.08 1.54 3.39
CA LEU A 200 -17.55 2.47 2.41
C LEU A 200 -18.23 3.82 2.64
N MET A 201 -17.53 4.71 3.31
CA MET A 201 -18.08 6.04 3.64
C MET A 201 -18.10 6.85 2.37
N LYS A 202 -17.19 6.56 1.44
CA LYS A 202 -17.24 7.09 0.08
C LYS A 202 -16.90 6.03 -0.92
N GLY A 203 -17.61 6.05 -2.04
CA GLY A 203 -17.38 5.09 -3.07
C GLY A 203 -18.15 3.78 -2.98
N SER A 204 -19.22 3.71 -2.18
CA SER A 204 -20.08 2.53 -2.12
C SER A 204 -20.88 2.39 -3.41
N ASN A 205 -20.86 1.19 -3.99
CA ASN A 205 -21.80 0.82 -5.03
C ASN A 205 -23.02 0.17 -4.32
N GLN A 206 -24.08 0.95 -4.20
CA GLN A 206 -25.34 0.56 -3.58
C GLN A 206 -25.86 -0.70 -4.27
N ASN A 207 -25.60 -0.86 -5.55
CA ASN A 207 -26.02 -2.08 -6.20
C ASN A 207 -24.84 -2.94 -6.67
N GLY A 208 -23.87 -3.16 -5.78
CA GLY A 208 -22.74 -3.99 -6.15
C GLY A 208 -22.86 -5.37 -5.60
N ASN A 209 -21.75 -6.09 -5.64
CA ASN A 209 -21.64 -7.41 -5.05
C ASN A 209 -21.33 -7.26 -3.60
N GLN A 210 -21.54 -8.35 -2.88
CA GLN A 210 -21.18 -8.43 -1.47
C GLN A 210 -19.69 -8.66 -1.47
N PRO A 211 -18.98 -8.10 -0.48
CA PRO A 211 -17.55 -8.21 -0.38
C PRO A 211 -17.11 -9.61 0.11
N LYS A 212 -15.86 -10.00 -0.14
CA LYS A 212 -15.28 -11.21 0.47
C LYS A 212 -14.43 -10.77 1.67
N VAL A 213 -14.76 -11.33 2.82
CA VAL A 213 -14.16 -10.96 4.04
C VAL A 213 -13.65 -12.25 4.67
N ARG A 214 -12.39 -12.21 5.08
CA ARG A 214 -11.69 -13.37 5.59
C ARG A 214 -11.04 -12.96 6.87
N ILE A 215 -11.06 -13.87 7.85
CA ILE A 215 -10.66 -13.54 9.18
C ILE A 215 -9.64 -14.56 9.61
N PHE A 216 -8.58 -14.07 10.25
CA PHE A 216 -7.46 -14.90 10.59
C PHE A 216 -7.09 -14.61 12.01
N GLU A 217 -6.81 -15.67 12.72
CA GLU A 217 -6.26 -15.60 14.03
C GLU A 217 -4.75 -15.44 13.94
N TYR A 218 -4.20 -14.41 14.58
CA TYR A 218 -2.74 -14.25 14.61
C TYR A 218 -2.18 -15.17 15.70
N LEU A 219 -1.15 -15.93 15.34
CA LEU A 219 -0.49 -16.93 16.22
C LEU A 219 0.85 -16.49 16.79
N GLY A 220 1.41 -15.40 16.32
CA GLY A 220 2.69 -14.91 16.82
C GLY A 220 2.62 -14.07 18.07
N ASN A 221 3.76 -13.51 18.48
CA ASN A 221 3.80 -12.55 19.57
C ASN A 221 3.41 -11.16 19.08
N ASN A 222 2.71 -10.42 19.91
CA ASN A 222 2.23 -9.11 19.48
C ASN A 222 3.36 -8.17 19.11
N GLU A 223 4.53 -8.39 19.72
CA GLU A 223 5.72 -7.58 19.48
C GLU A 223 6.22 -7.70 18.04
N ASP A 224 5.87 -8.77 17.33
CA ASP A 224 6.28 -8.95 15.97
C ASP A 224 5.27 -8.53 14.90
N ILE A 225 4.17 -7.92 15.30
CA ILE A 225 3.17 -7.45 14.38
C ILE A 225 3.84 -6.36 13.60
N ALA A 226 3.76 -6.39 12.27
CA ALA A 226 4.35 -5.32 11.47
C ALA A 226 3.71 -3.97 11.80
N LYS A 227 4.55 -2.98 12.14
CA LYS A 227 4.12 -1.57 12.24
C LYS A 227 3.58 -1.02 10.93
N SER A 228 4.07 -1.56 9.83
CA SER A 228 3.60 -1.15 8.49
C SER A 228 2.14 -1.52 8.17
N VAL A 229 1.58 -2.49 8.90
CA VAL A 229 0.26 -3.04 8.71
C VAL A 229 0.32 -3.95 7.51
N TYR A 230 0.64 -5.18 7.79
CA TYR A 230 1.02 -6.16 6.79
C TYR A 230 0.79 -7.54 7.40
N ALA A 231 0.07 -8.39 6.65
CA ALA A 231 -0.19 -9.75 7.11
C ALA A 231 0.00 -10.75 5.98
N ASN A 232 0.98 -11.62 6.10
CA ASN A 232 1.16 -12.64 5.08
C ASN A 232 0.38 -13.84 5.53
N THR A 233 -0.88 -13.86 5.13
CA THR A 233 -1.83 -14.77 5.70
C THR A 233 -1.62 -16.17 5.20
N THR A 234 -0.83 -16.35 4.14
CA THR A 234 -0.42 -17.71 3.72
C THR A 234 0.74 -18.35 4.59
N ASP A 235 1.32 -17.60 5.53
CA ASP A 235 2.23 -18.23 6.51
C ASP A 235 1.42 -18.86 7.62
N THR A 236 1.25 -20.18 7.55
CA THR A 236 0.37 -20.88 8.49
C THR A 236 0.94 -21.01 9.87
N SER A 237 2.21 -20.64 10.11
CA SER A 237 2.72 -20.57 11.51
C SER A 237 2.39 -19.20 12.11
N LYS A 238 1.98 -18.24 11.27
CA LYS A 238 1.64 -16.89 11.73
C LYS A 238 0.17 -16.62 11.79
N PHE A 239 -0.59 -17.28 10.89
CA PHE A 239 -2.02 -17.05 10.74
C PHE A 239 -2.82 -18.31 10.56
N LYS A 240 -3.98 -18.35 11.21
CA LYS A 240 -4.91 -19.45 11.07
C LYS A 240 -6.24 -18.88 10.63
N GLU A 241 -6.75 -19.31 9.50
CA GLU A 241 -7.95 -18.73 8.96
C GLU A 241 -9.06 -19.27 9.78
N VAL A 242 -9.97 -18.40 10.27
CA VAL A 242 -11.12 -18.83 11.06
C VAL A 242 -12.46 -18.33 10.44
N THR A 243 -12.42 -17.96 9.16
CA THR A 243 -13.60 -17.46 8.50
C THR A 243 -14.81 -18.44 8.62
N SER A 244 -14.55 -19.71 8.39
CA SER A 244 -15.57 -20.75 8.55
C SER A 244 -16.19 -20.76 9.91
N ASN A 245 -15.34 -20.79 10.91
CA ASN A 245 -15.77 -20.80 12.28
C ASN A 245 -16.61 -19.63 12.65
N MET A 246 -16.40 -18.50 11.98
CA MET A 246 -17.03 -17.25 12.38
C MET A 246 -18.13 -16.87 11.41
N SER A 247 -18.35 -17.74 10.42
CA SER A 247 -19.29 -17.38 9.34
C SER A 247 -20.72 -17.06 9.84
N GLY A 248 -21.22 -17.73 10.90
CA GLY A 248 -22.58 -17.40 11.42
C GLY A 248 -22.62 -16.06 12.16
N ASN A 249 -21.47 -15.44 12.40
CA ASN A 249 -21.38 -14.14 13.07
C ASN A 249 -20.99 -13.02 12.10
N LEU A 250 -21.03 -13.32 10.79
CA LEU A 250 -20.59 -12.39 9.73
C LEU A 250 -21.75 -12.12 8.84
N ASN A 251 -22.05 -10.85 8.57
CA ASN A 251 -23.05 -10.48 7.63
C ASN A 251 -22.43 -9.60 6.52
N LEU A 252 -22.78 -9.91 5.26
CA LEU A 252 -22.26 -9.20 4.08
C LEU A 252 -23.35 -8.44 3.32
N GLN A 253 -23.09 -7.22 2.88
CA GLN A 253 -24.11 -6.47 2.20
C GLN A 253 -23.67 -6.01 0.82
N ASN A 254 -24.66 -5.84 -0.02
CA ASN A 254 -24.45 -5.46 -1.39
C ASN A 254 -23.96 -4.03 -1.53
N ASN A 255 -24.09 -3.19 -0.51
CA ASN A 255 -23.41 -1.89 -0.60
C ASN A 255 -21.93 -1.87 -0.12
N GLY A 256 -21.36 -3.06 0.10
CA GLY A 256 -19.93 -3.25 0.45
C GLY A 256 -19.66 -3.34 1.91
N SER A 257 -20.70 -3.14 2.73
CA SER A 257 -20.57 -3.20 4.20
C SER A 257 -20.50 -4.63 4.70
N TYR A 258 -19.86 -4.82 5.85
CA TYR A 258 -19.97 -6.10 6.56
C TYR A 258 -20.10 -5.79 8.05
N SER A 259 -20.47 -6.82 8.78
CA SER A 259 -20.51 -6.72 10.19
C SER A 259 -20.09 -8.06 10.79
N LEU A 260 -19.34 -8.02 11.90
CA LEU A 260 -18.78 -9.24 12.46
C LEU A 260 -18.84 -9.14 13.99
N ASN A 261 -19.48 -10.13 14.62
CA ASN A 261 -19.52 -10.19 16.07
C ASN A 261 -18.50 -11.17 16.54
N ILE A 262 -17.77 -10.76 17.56
CA ILE A 262 -16.80 -11.65 18.21
C ILE A 262 -17.09 -11.61 19.71
N GLU A 263 -17.57 -12.72 20.26
CA GLU A 263 -17.99 -12.79 21.68
C GLU A 263 -16.82 -12.51 22.63
N ASN A 264 -15.66 -13.13 22.41
CA ASN A 264 -14.47 -12.79 23.22
C ASN A 264 -13.28 -12.27 22.45
N LEU A 265 -13.06 -10.98 22.50
CA LEU A 265 -11.83 -10.53 21.90
C LEU A 265 -10.67 -10.77 22.90
N ASP A 266 -10.07 -11.95 22.83
CA ASP A 266 -8.94 -12.32 23.71
C ASP A 266 -7.72 -12.75 22.85
N LYS A 267 -7.73 -12.40 21.57
CA LYS A 267 -6.74 -12.79 20.61
C LYS A 267 -6.64 -11.69 19.57
N THR A 268 -5.46 -11.59 18.94
CA THR A 268 -5.27 -10.65 17.82
C THR A 268 -5.86 -11.29 16.55
N TYR A 269 -6.71 -10.53 15.83
CA TYR A 269 -7.30 -11.00 14.59
C TYR A 269 -6.95 -10.07 13.43
N VAL A 270 -6.85 -10.66 12.25
CA VAL A 270 -6.79 -9.92 11.04
C VAL A 270 -8.08 -10.15 10.29
N VAL A 271 -8.66 -9.05 9.83
CA VAL A 271 -9.75 -9.04 8.87
C VAL A 271 -9.31 -8.55 7.51
N HIS A 272 -9.36 -9.44 6.53
CA HIS A 272 -9.04 -9.14 5.15
C HIS A 272 -10.28 -8.90 4.32
N TYR A 273 -10.37 -7.72 3.70
CA TYR A 273 -11.52 -7.34 2.91
C TYR A 273 -11.14 -7.18 1.45
N ASP A 274 -11.95 -7.74 0.56
CA ASP A 274 -11.80 -7.52 -0.85
C ASP A 274 -13.18 -7.10 -1.29
N GLY A 275 -13.28 -5.92 -1.84
CA GLY A 275 -14.56 -5.45 -2.29
C GLY A 275 -14.45 -4.60 -3.52
N GLU A 276 -15.59 -4.20 -4.02
CA GLU A 276 -15.63 -3.25 -5.11
C GLU A 276 -15.98 -1.86 -4.62
N TYR A 277 -15.78 -0.88 -5.49
CA TYR A 277 -16.21 0.53 -5.27
C TYR A 277 -16.92 0.99 -6.53
N LEU A 278 -17.63 2.10 -6.42
CA LEU A 278 -18.48 2.57 -7.49
C LEU A 278 -17.63 3.26 -8.55
N ASN A 279 -17.80 2.85 -9.82
CA ASN A 279 -17.02 3.39 -10.91
C ASN A 279 -17.33 4.89 -10.99
N GLY A 280 -16.33 5.72 -11.17
CA GLY A 280 -16.49 7.16 -11.20
C GLY A 280 -16.38 7.93 -9.90
N THR A 281 -16.27 7.22 -8.77
CA THR A 281 -16.19 7.88 -7.48
C THR A 281 -14.89 8.75 -7.43
N ASP A 282 -15.02 9.94 -6.86
CA ASP A 282 -13.85 10.79 -6.67
C ASP A 282 -12.89 10.15 -5.69
N GLU A 283 -13.47 9.48 -4.69
CA GLU A 283 -12.72 8.97 -3.59
C GLU A 283 -13.33 7.64 -3.11
N VAL A 284 -12.46 6.83 -2.54
CA VAL A 284 -12.83 5.63 -1.87
C VAL A 284 -12.41 5.82 -0.44
N ASP A 285 -13.37 5.73 0.49
CA ASP A 285 -13.07 5.89 1.93
C ASP A 285 -13.71 4.73 2.69
N PHE A 286 -12.84 3.88 3.24
CA PHE A 286 -13.23 2.66 3.90
C PHE A 286 -13.01 2.79 5.38
N ARG A 287 -14.12 2.71 6.14
CA ARG A 287 -14.13 2.73 7.59
C ARG A 287 -14.24 1.34 8.22
N THR A 288 -13.30 1.03 9.10
CA THR A 288 -13.39 -0.06 9.99
C THR A 288 -13.74 0.52 11.35
N GLN A 289 -14.79 -0.03 12.00
CA GLN A 289 -15.23 0.47 13.30
C GLN A 289 -15.41 -0.70 14.23
N MET A 290 -14.93 -0.58 15.46
CA MET A 290 -15.10 -1.64 16.45
C MET A 290 -15.84 -1.06 17.65
N VAL A 291 -16.90 -1.74 18.08
CA VAL A 291 -17.74 -1.30 19.18
C VAL A 291 -17.61 -2.36 20.19
N GLY A 292 -17.15 -1.99 21.37
CA GLY A 292 -16.92 -3.00 22.43
C GLY A 292 -17.82 -2.76 23.63
N HIS A 293 -18.19 -3.82 24.35
CA HIS A 293 -18.98 -3.67 25.62
CA HIS A 293 -18.98 -3.71 25.58
C HIS A 293 -18.14 -4.28 26.78
N PRO A 294 -17.34 -3.41 27.53
CA PRO A 294 -16.52 -3.93 28.66
C PRO A 294 -17.28 -4.47 29.90
N GLU A 295 -18.58 -4.23 29.97
CA GLU A 295 -19.40 -4.53 31.15
C GLU A 295 -20.83 -4.48 30.66
N GLN A 296 -21.67 -5.37 31.18
CA GLN A 296 -23.10 -5.36 30.84
C GLN A 296 -24.05 -5.53 32.04
N LEU A 297 -23.57 -5.17 33.22
CA LEU A 297 -24.39 -5.16 34.43
C LEU A 297 -25.43 -4.06 34.40
N TYR A 298 -25.08 -2.95 33.78
CA TYR A 298 -25.93 -1.75 33.76
C TYR A 298 -26.66 -1.52 35.10
N LYS A 299 -25.87 -1.52 36.17
CA LYS A 299 -26.30 -1.14 37.53
C LYS A 299 -25.80 0.30 37.74
N TYR A 300 -26.74 1.20 37.97
CA TYR A 300 -26.49 2.64 38.20
C TYR A 300 -26.40 3.47 36.93
N TYR A 301 -26.06 2.83 35.82
CA TYR A 301 -25.87 3.52 34.56
C TYR A 301 -25.92 2.58 33.40
N TYR A 302 -26.23 3.15 32.24
CA TYR A 302 -26.09 2.55 30.96
C TYR A 302 -25.22 3.45 30.04
N ASP A 303 -24.37 2.80 29.28
CA ASP A 303 -23.87 3.42 28.05
C ASP A 303 -23.51 2.36 27.05
N ARG A 304 -23.00 2.75 25.89
CA ARG A 304 -22.89 1.76 24.81
C ARG A 304 -21.52 1.18 24.66
N GLY A 305 -20.62 1.45 25.60
CA GLY A 305 -19.25 0.95 25.51
C GLY A 305 -18.24 1.86 24.81
N TYR A 306 -17.30 1.30 24.09
CA TYR A 306 -16.33 2.13 23.42
C TYR A 306 -16.53 1.94 21.95
N THR A 307 -16.02 2.90 21.21
CA THR A 307 -15.99 2.84 19.77
C THR A 307 -14.60 3.23 19.31
N LEU A 308 -13.99 2.35 18.52
CA LEU A 308 -12.77 2.69 17.78
C LEU A 308 -13.08 2.73 16.29
N THR A 309 -12.63 3.80 15.64
CA THR A 309 -12.92 4.08 14.23
C THR A 309 -11.60 4.37 13.51
N TRP A 310 -11.34 3.66 12.42
CA TRP A 310 -10.15 3.89 11.58
C TRP A 310 -10.55 3.90 10.10
N ASP A 311 -10.28 5.02 9.42
CA ASP A 311 -10.60 5.19 8.03
C ASP A 311 -9.33 5.11 7.15
N ASN A 312 -9.47 4.48 5.98
CA ASN A 312 -8.40 4.43 4.96
C ASN A 312 -9.02 4.77 3.64
N GLY A 313 -8.43 5.75 2.99
CA GLY A 313 -9.04 6.41 1.84
C GLY A 313 -8.03 6.58 0.73
N LEU A 314 -8.55 6.64 -0.51
CA LEU A 314 -7.83 6.94 -1.71
C LEU A 314 -8.52 8.09 -2.46
N VAL A 315 -7.72 8.90 -3.09
CA VAL A 315 -8.19 9.89 -4.05
C VAL A 315 -7.98 9.41 -5.46
N LEU A 316 -9.09 9.33 -6.18
CA LEU A 316 -9.07 8.89 -7.55
C LEU A 316 -9.23 10.08 -8.51
N TYR A 317 -9.94 11.12 -8.08
CA TYR A 317 -10.05 12.33 -8.84
C TYR A 317 -10.05 13.52 -7.94
N SER A 318 -9.20 14.48 -8.28
CA SER A 318 -9.33 15.85 -7.82
C SER A 318 -8.65 16.73 -8.86
N ASN A 319 -9.27 17.82 -9.33
CA ASN A 319 -10.65 18.22 -9.02
C ASN A 319 -11.11 19.31 -9.99
#